data_4QBJ
#
_entry.id   4QBJ
#
_cell.length_a   54.792
_cell.length_b   77.074
_cell.length_c   113.237
_cell.angle_alpha   90.00
_cell.angle_beta   90.00
_cell.angle_gamma   90.00
#
_symmetry.space_group_name_H-M   'P 21 21 21'
#
loop_
_entity.id
_entity.type
_entity.pdbx_description
1 polymer 'Glycylpeptide N-tetradecanoyltransferase'
2 non-polymer 'SULFATE ION'
3 non-polymer S-(2-OXO)PENTADECYLCOA
4 non-polymer 3-[[3-methyl-2-[[2,3,4-tris(fluoranyl)phenoxy]methyl]-1-benzofuran-4-yl]oxy]-N-(pyridin-3-ylmethyl)propan-1-amine
5 water water
#
_entity_poly.entity_id   1
_entity_poly.type   'polypeptide(L)'
_entity_poly.pdbx_seq_one_letter_code
;GSHMGGPIKIIDPEKVSKEPDALLEGFEWATLDLTNETELQELWDLLTYHYVEDDNAMFRFRYSQSFLHWALMSPGWKKE
WHVGVRATKSRKLVASICGVPTEINVRNQKLKVVEINFLCIHKKLRSKRLTPVLIKEITRRCYLNGIYQAIYTAGVVLPT
PVSSCRYYHRPLDWLKLYEVGFSPLPAGSTKARQITKNHLPSTTSTPGLRPMEPKDIDTVHDLLQRYLSRFALNQAFTRE
EVDHWLVHKPETVKEQVVWAYVVEDPETHKITDFFSFYNLESTVIQNPKHDNVRAAYLYYYATETAFTNNMKALKERLLM
LMNDALILAKKAHFDVFNALTLHDNPLFLEQLKFGAGDGQLHFYLYNYRTAPVPGGVNEKNLPDEKRMGGVGIVML
;
_entity_poly.pdbx_strand_id   A
#
# COMPACT_ATOMS: atom_id res chain seq x y z
N GLY A 1 -0.70 29.39 -17.90
CA GLY A 1 -0.74 29.05 -16.45
C GLY A 1 -2.13 28.61 -15.99
N SER A 2 -2.24 28.27 -14.73
CA SER A 2 -3.52 27.87 -14.18
C SER A 2 -3.53 28.03 -12.66
N HIS A 3 -4.65 28.51 -12.11
CA HIS A 3 -4.82 28.62 -10.69
C HIS A 3 -5.21 27.29 -10.09
N MET A 4 -5.36 26.27 -10.93
CA MET A 4 -5.57 24.91 -10.35
C MET A 4 -4.31 24.01 -10.13
N GLY A 5 -3.14 24.46 -10.54
CA GLY A 5 -1.98 23.58 -10.37
C GLY A 5 -1.84 22.78 -11.66
N GLY A 6 -0.93 21.83 -11.73
CA GLY A 6 -0.63 21.18 -13.04
C GLY A 6 0.87 20.90 -12.96
N PRO A 7 1.45 20.54 -14.11
CA PRO A 7 2.85 20.12 -14.14
C PRO A 7 3.77 21.27 -13.75
N ILE A 8 4.94 20.95 -13.23
CA ILE A 8 5.96 21.89 -13.01
C ILE A 8 6.78 22.08 -14.32
N LYS A 9 7.24 20.98 -14.92
CA LYS A 9 7.99 21.01 -16.22
C LYS A 9 7.29 20.26 -17.31
N ILE A 10 7.19 20.86 -18.49
CA ILE A 10 6.55 20.19 -19.64
C ILE A 10 7.71 19.45 -20.31
N ILE A 11 7.49 18.20 -20.70
CA ILE A 11 8.60 17.45 -21.19
C ILE A 11 8.41 17.14 -22.68
N ASP A 12 9.43 17.35 -23.50
CA ASP A 12 9.38 16.77 -24.87
C ASP A 12 10.08 15.42 -24.92
N PRO A 13 9.38 14.31 -25.21
CA PRO A 13 10.10 13.01 -25.13
C PRO A 13 11.17 12.88 -26.20
N GLU A 14 11.01 13.62 -27.29
CA GLU A 14 11.95 13.50 -28.39
C GLU A 14 13.27 14.16 -28.01
N LYS A 15 13.31 14.97 -26.98
CA LYS A 15 14.58 15.61 -26.54
C LYS A 15 15.23 14.91 -25.34
N VAL A 16 14.74 13.74 -24.95
CA VAL A 16 15.31 13.11 -23.74
C VAL A 16 16.43 12.19 -24.21
N SER A 17 17.55 12.21 -23.51
CA SER A 17 18.66 11.33 -23.87
C SER A 17 18.28 9.87 -23.87
N LYS A 18 18.78 9.14 -24.84
CA LYS A 18 18.50 7.71 -24.95
C LYS A 18 19.58 6.87 -24.30
N GLU A 19 20.59 7.52 -23.78
CA GLU A 19 21.59 6.80 -23.01
C GLU A 19 21.55 7.33 -21.58
N PRO A 20 21.86 6.49 -20.62
CA PRO A 20 21.77 6.93 -19.22
C PRO A 20 23.06 7.66 -18.86
N ASP A 21 23.05 8.32 -17.70
CA ASP A 21 24.24 8.95 -17.13
C ASP A 21 25.19 7.94 -16.54
N ALA A 22 26.42 8.36 -16.32
CA ALA A 22 27.45 7.44 -15.89
C ALA A 22 27.32 7.25 -14.39
N LEU A 23 27.58 6.05 -13.91
CA LEU A 23 27.52 5.78 -12.50
C LEU A 23 28.93 5.91 -11.97
N LEU A 24 29.08 5.83 -10.66
CA LEU A 24 30.33 5.64 -9.95
C LEU A 24 31.20 4.54 -10.58
N GLU A 25 32.52 4.69 -10.52
CA GLU A 25 33.42 3.71 -11.16
C GLU A 25 33.27 2.34 -10.53
N GLY A 26 33.31 1.32 -11.35
CA GLY A 26 33.05 0.03 -10.77
C GLY A 26 31.62 -0.49 -10.77
N PHE A 27 30.66 0.29 -11.24
CA PHE A 27 29.28 -0.07 -11.17
C PHE A 27 28.67 0.16 -12.53
N GLU A 28 27.57 -0.54 -12.80
CA GLU A 28 26.90 -0.35 -14.09
C GLU A 28 25.40 -0.51 -13.92
N TRP A 29 24.64 0.02 -14.86
CA TRP A 29 23.18 -0.08 -14.82
C TRP A 29 22.74 -1.50 -15.12
N ALA A 30 21.59 -1.88 -14.58
CA ALA A 30 21.03 -3.18 -14.95
C ALA A 30 19.52 -3.01 -15.05
N THR A 31 18.91 -3.71 -15.97
CA THR A 31 17.46 -3.78 -16.01
C THR A 31 17.18 -5.15 -15.48
N LEU A 32 16.30 -5.27 -14.50
CA LEU A 32 16.07 -6.60 -13.84
C LEU A 32 15.04 -7.31 -14.69
N ASP A 33 15.17 -8.61 -14.82
CA ASP A 33 14.12 -9.35 -15.47
C ASP A 33 13.54 -10.13 -14.39
N LEU A 34 12.42 -9.67 -13.86
CA LEU A 34 11.84 -10.32 -12.70
C LEU A 34 11.14 -11.64 -13.05
N THR A 35 11.00 -11.97 -14.36
CA THR A 35 10.44 -13.27 -14.76
C THR A 35 11.47 -14.40 -14.66
N ASN A 36 12.70 -14.06 -14.30
CA ASN A 36 13.82 -14.99 -14.09
C ASN A 36 14.07 -15.16 -12.58
N GLU A 37 13.83 -16.35 -12.09
CA GLU A 37 13.84 -16.64 -10.66
C GLU A 37 15.13 -16.24 -10.04
N THR A 38 16.20 -16.32 -10.81
CA THR A 38 17.51 -15.96 -10.30
C THR A 38 17.57 -14.47 -9.99
N GLU A 39 17.11 -13.64 -10.92
CA GLU A 39 17.13 -12.21 -10.66
C GLU A 39 16.06 -11.84 -9.63
N LEU A 40 14.88 -12.46 -9.68
CA LEU A 40 13.86 -12.18 -8.66
C LEU A 40 14.51 -12.35 -7.34
N GLN A 41 15.25 -13.40 -7.23
CA GLN A 41 15.76 -13.82 -5.94
C GLN A 41 16.91 -12.91 -5.50
N GLU A 42 17.65 -12.29 -6.44
CA GLU A 42 18.68 -11.26 -6.08
C GLU A 42 18.07 -10.00 -5.47
N LEU A 43 16.96 -9.56 -6.07
CA LEU A 43 16.16 -8.43 -5.59
C LEU A 43 15.59 -8.76 -4.19
N TRP A 44 15.00 -9.93 -4.05
CA TRP A 44 14.53 -10.41 -2.72
C TRP A 44 15.63 -10.34 -1.68
N ASP A 45 16.82 -10.71 -2.04
CA ASP A 45 17.91 -10.66 -1.10
C ASP A 45 18.40 -9.25 -0.74
N LEU A 46 18.56 -8.41 -1.75
CA LEU A 46 18.88 -7.02 -1.44
C LEU A 46 17.80 -6.40 -0.50
N LEU A 47 16.52 -6.61 -0.78
CA LEU A 47 15.47 -5.95 0.01
C LEU A 47 15.40 -6.52 1.45
N THR A 48 15.46 -7.83 1.53
CA THR A 48 15.52 -8.54 2.79
C THR A 48 16.59 -8.00 3.71
N TYR A 49 17.81 -7.85 3.23
CA TYR A 49 18.82 -7.34 4.12
C TYR A 49 19.11 -5.85 4.12
N HIS A 50 18.58 -5.06 3.17
CA HIS A 50 18.93 -3.64 3.19
C HIS A 50 17.78 -2.65 3.15
N TYR A 51 16.58 -3.16 2.91
CA TYR A 51 15.41 -2.29 2.83
C TYR A 51 14.82 -2.09 4.23
N VAL A 52 15.48 -1.28 5.00
CA VAL A 52 15.06 -1.04 6.34
C VAL A 52 14.79 0.48 6.34
N GLU A 53 13.52 0.89 6.17
CA GLU A 53 13.15 2.33 6.14
C GLU A 53 13.54 3.03 7.46
N ASP A 54 13.50 2.28 8.57
CA ASP A 54 13.77 2.85 9.91
C ASP A 54 14.52 1.85 10.80
N ASP A 55 15.80 2.09 10.98
CA ASP A 55 16.67 1.17 11.70
C ASP A 55 16.27 1.13 13.17
N ASN A 56 15.43 2.07 13.59
CA ASN A 56 14.95 2.06 14.95
C ASN A 56 13.84 1.06 15.24
N ALA A 57 13.29 0.42 14.21
CA ALA A 57 12.14 -0.46 14.40
C ALA A 57 12.59 -1.82 14.95
N MET A 58 11.68 -2.52 15.61
CA MET A 58 12.05 -3.84 16.15
C MET A 58 11.70 -5.00 15.19
N PHE A 59 11.02 -4.66 14.10
CA PHE A 59 10.61 -5.65 13.11
C PHE A 59 11.19 -5.28 11.76
N ARG A 60 11.42 -6.26 10.87
CA ARG A 60 11.78 -6.02 9.46
C ARG A 60 10.78 -6.71 8.55
N PHE A 61 10.50 -6.15 7.37
CA PHE A 61 9.58 -6.85 6.48
C PHE A 61 10.18 -8.12 6.03
N ARG A 62 9.34 -9.10 5.81
CA ARG A 62 9.79 -10.32 5.24
C ARG A 62 9.01 -10.54 3.94
N TYR A 63 9.67 -10.50 2.81
CA TYR A 63 8.96 -10.63 1.55
C TYR A 63 8.77 -12.06 1.11
N SER A 64 7.73 -12.26 0.33
CA SER A 64 7.64 -13.49 -0.42
C SER A 64 7.81 -13.19 -1.90
N GLN A 65 8.27 -14.21 -2.63
CA GLN A 65 8.29 -14.17 -4.06
C GLN A 65 6.92 -13.83 -4.58
N SER A 66 5.86 -14.42 -4.02
CA SER A 66 4.50 -14.00 -4.43
C SER A 66 4.16 -12.53 -4.22
N PHE A 67 4.55 -11.95 -3.08
CA PHE A 67 4.24 -10.52 -2.85
C PHE A 67 5.01 -9.68 -3.93
N LEU A 68 6.25 -10.10 -4.21
CA LEU A 68 7.06 -9.37 -5.18
C LEU A 68 6.41 -9.40 -6.58
N HIS A 69 5.89 -10.54 -6.96
CA HIS A 69 5.28 -10.66 -8.25
C HIS A 69 4.07 -9.84 -8.30
N TRP A 70 3.26 -9.89 -7.24
CA TRP A 70 2.01 -9.18 -7.21
C TRP A 70 2.27 -7.68 -7.27
N ALA A 71 3.27 -7.22 -6.49
CA ALA A 71 3.60 -5.80 -6.39
C ALA A 71 4.25 -5.22 -7.71
N LEU A 72 5.05 -5.99 -8.43
CA LEU A 72 5.90 -5.41 -9.50
C LEU A 72 5.54 -5.81 -10.92
N MET A 73 4.64 -6.79 -11.06
CA MET A 73 4.25 -7.19 -12.36
C MET A 73 2.79 -6.99 -12.54
N SER A 74 2.31 -5.80 -12.28
CA SER A 74 0.91 -5.50 -12.50
C SER A 74 0.68 -5.08 -13.95
N PRO A 75 -0.59 -4.86 -14.32
CA PRO A 75 -0.86 -4.72 -15.73
C PRO A 75 -0.19 -3.49 -16.34
N GLY A 76 0.45 -3.65 -17.49
CA GLY A 76 1.16 -2.55 -18.17
C GLY A 76 2.60 -2.55 -17.69
N TRP A 77 2.99 -3.44 -16.77
CA TRP A 77 4.35 -3.33 -16.28
C TRP A 77 5.37 -3.44 -17.42
N LYS A 78 6.54 -2.83 -17.24
CA LYS A 78 7.62 -2.98 -18.22
C LYS A 78 8.86 -3.30 -17.46
N LYS A 79 9.63 -4.18 -18.03
CA LYS A 79 10.88 -4.61 -17.41
C LYS A 79 11.84 -3.42 -17.28
N GLU A 80 11.78 -2.47 -18.20
CA GLU A 80 12.80 -1.42 -18.12
C GLU A 80 12.51 -0.45 -16.92
N TRP A 81 11.34 -0.56 -16.30
CA TRP A 81 11.12 0.23 -15.06
C TRP A 81 11.49 -0.55 -13.78
N HIS A 82 12.15 -1.70 -13.95
CA HIS A 82 12.73 -2.35 -12.78
C HIS A 82 14.21 -2.14 -12.83
N VAL A 83 14.69 -1.05 -12.22
CA VAL A 83 16.08 -0.61 -12.48
C VAL A 83 16.98 -1.11 -11.36
N GLY A 84 18.15 -1.62 -11.72
CA GLY A 84 19.15 -1.98 -10.73
C GLY A 84 20.49 -1.41 -11.04
N VAL A 85 21.37 -1.55 -10.07
CA VAL A 85 22.79 -1.21 -10.18
C VAL A 85 23.57 -2.49 -9.75
N ARG A 86 24.53 -2.91 -10.57
CA ARG A 86 25.41 -4.04 -10.24
C ARG A 86 26.83 -3.59 -10.11
N ALA A 87 27.56 -4.24 -9.21
CA ALA A 87 29.04 -4.16 -9.19
C ALA A 87 29.58 -4.90 -10.43
N THR A 88 30.35 -4.23 -11.28
CA THR A 88 30.82 -4.89 -12.52
C THR A 88 31.64 -6.17 -12.28
N LYS A 89 32.50 -6.11 -11.28
CA LYS A 89 33.42 -7.23 -11.10
C LYS A 89 32.81 -8.40 -10.40
N SER A 90 31.87 -8.19 -9.49
CA SER A 90 31.26 -9.36 -8.84
C SER A 90 29.86 -9.61 -9.33
N ARG A 91 29.27 -8.65 -10.04
CA ARG A 91 27.90 -8.92 -10.59
C ARG A 91 26.79 -8.76 -9.54
N LYS A 92 27.23 -8.42 -8.34
CA LYS A 92 26.30 -8.34 -7.21
C LYS A 92 25.34 -7.14 -7.41
N LEU A 93 24.04 -7.36 -7.16
CA LEU A 93 23.05 -6.30 -7.24
C LEU A 93 23.14 -5.45 -5.95
N VAL A 94 23.39 -4.14 -6.06
CA VAL A 94 23.55 -3.32 -4.88
C VAL A 94 22.56 -2.13 -4.75
N ALA A 95 21.71 -1.90 -5.74
CA ALA A 95 20.68 -0.88 -5.54
C ALA A 95 19.52 -1.18 -6.44
N SER A 96 18.35 -0.67 -6.09
CA SER A 96 17.20 -0.88 -6.95
C SER A 96 16.26 0.30 -6.90
N ILE A 97 15.46 0.54 -7.94
CA ILE A 97 14.32 1.41 -7.79
C ILE A 97 13.36 0.96 -8.82
N CYS A 98 12.05 0.82 -8.50
CA CYS A 98 11.08 0.19 -9.45
C CYS A 98 9.86 1.04 -9.62
N GLY A 99 9.23 0.98 -10.78
CA GLY A 99 7.97 1.70 -11.00
C GLY A 99 7.01 0.79 -11.75
N VAL A 100 5.70 0.90 -11.46
CA VAL A 100 4.68 0.32 -12.29
C VAL A 100 3.69 1.38 -12.70
N PRO A 101 3.09 1.25 -13.89
CA PRO A 101 2.17 2.24 -14.39
C PRO A 101 0.73 2.16 -13.86
N THR A 102 0.08 3.31 -13.71
CA THR A 102 -1.39 3.31 -13.53
C THR A 102 -1.92 4.70 -13.84
N GLU A 103 -3.17 5.00 -13.48
CA GLU A 103 -3.71 6.33 -13.69
C GLU A 103 -4.35 6.73 -12.42
N ILE A 104 -4.27 8.00 -12.11
CA ILE A 104 -4.88 8.51 -10.91
C ILE A 104 -5.64 9.76 -11.34
N ASN A 105 -6.66 10.14 -10.58
CA ASN A 105 -7.37 11.42 -10.70
C ASN A 105 -6.87 12.29 -9.57
N VAL A 106 -6.38 13.49 -9.89
CA VAL A 106 -5.87 14.47 -8.94
C VAL A 106 -6.81 15.62 -9.15
N ARG A 107 -7.75 15.74 -8.22
CA ARG A 107 -8.82 16.75 -8.31
C ARG A 107 -9.49 16.65 -9.69
N ASN A 108 -9.53 17.72 -10.43
CA ASN A 108 -10.20 17.61 -11.75
C ASN A 108 -9.63 16.59 -12.83
N GLN A 109 -8.35 16.28 -12.72
CA GLN A 109 -7.51 15.87 -13.83
C GLN A 109 -7.02 14.41 -13.79
N LYS A 110 -7.15 13.68 -14.88
CA LYS A 110 -6.65 12.33 -14.94
C LYS A 110 -5.19 12.37 -15.40
N LEU A 111 -4.30 11.57 -14.79
CA LEU A 111 -2.86 11.56 -15.17
C LEU A 111 -2.38 10.13 -15.28
N LYS A 112 -1.56 9.83 -16.29
CA LYS A 112 -0.83 8.57 -16.29
C LYS A 112 0.41 8.77 -15.43
N VAL A 113 0.74 7.84 -14.53
CA VAL A 113 1.86 8.08 -13.58
C VAL A 113 2.52 6.74 -13.47
N VAL A 114 3.69 6.69 -12.86
CA VAL A 114 4.15 5.41 -12.29
C VAL A 114 4.09 5.54 -10.79
N GLU A 115 3.83 4.44 -10.12
CA GLU A 115 4.03 4.42 -8.69
C GLU A 115 5.43 3.90 -8.44
N ILE A 116 6.19 4.61 -7.61
CA ILE A 116 7.60 4.29 -7.39
C ILE A 116 7.71 3.66 -6.01
N ASN A 117 8.42 2.55 -5.93
CA ASN A 117 8.71 1.90 -4.62
C ASN A 117 10.00 1.10 -4.71
N PHE A 118 10.35 0.47 -3.59
CA PHE A 118 11.47 -0.41 -3.48
C PHE A 118 12.71 0.37 -3.83
N LEU A 119 12.72 1.65 -3.51
CA LEU A 119 14.03 2.35 -3.64
C LEU A 119 14.93 1.73 -2.57
N CYS A 120 16.13 1.30 -2.91
CA CYS A 120 16.92 0.63 -1.89
C CYS A 120 18.35 0.63 -2.33
N ILE A 121 19.23 1.01 -1.40
CA ILE A 121 20.66 0.99 -1.64
C ILE A 121 21.41 0.17 -0.57
N HIS A 122 22.24 -0.76 -1.02
CA HIS A 122 23.01 -1.63 -0.13
C HIS A 122 23.74 -0.77 0.91
N LYS A 123 23.83 -1.25 2.13
CA LYS A 123 24.50 -0.46 3.20
C LYS A 123 25.92 -0.01 2.83
N LYS A 124 26.67 -0.87 2.14
CA LYS A 124 28.03 -0.53 1.75
C LYS A 124 28.12 0.74 0.93
N LEU A 125 27.06 1.06 0.20
CA LEU A 125 27.05 2.20 -0.75
C LEU A 125 26.27 3.41 -0.26
N ARG A 126 25.90 3.42 1.01
CA ARG A 126 25.13 4.53 1.55
C ARG A 126 25.99 5.79 1.63
N SER A 127 25.31 6.92 1.60
CA SER A 127 25.93 8.23 1.69
C SER A 127 26.91 8.56 0.57
N LYS A 128 26.72 7.96 -0.60
CA LYS A 128 27.50 8.39 -1.75
C LYS A 128 26.63 9.25 -2.69
N ARG A 129 25.49 9.72 -2.22
CA ARG A 129 24.56 10.42 -3.12
C ARG A 129 24.16 9.60 -4.38
N LEU A 130 24.05 8.28 -4.25
CA LEU A 130 23.56 7.47 -5.37
C LEU A 130 22.05 7.71 -5.66
N THR A 131 21.30 8.13 -4.63
CA THR A 131 19.86 8.26 -4.76
C THR A 131 19.39 9.16 -5.92
N PRO A 132 19.91 10.39 -6.02
CA PRO A 132 19.50 11.28 -7.12
C PRO A 132 19.86 10.70 -8.43
N VAL A 133 20.90 9.88 -8.47
CA VAL A 133 21.29 9.20 -9.71
C VAL A 133 20.27 8.12 -10.12
N LEU A 134 19.77 7.35 -9.15
CA LEU A 134 18.74 6.38 -9.40
C LEU A 134 17.50 7.05 -9.85
N ILE A 135 17.12 8.07 -9.12
CA ILE A 135 15.87 8.82 -9.44
C ILE A 135 15.91 9.40 -10.86
N LYS A 136 17.02 10.02 -11.24
CA LYS A 136 17.21 10.65 -12.56
C LYS A 136 17.16 9.58 -13.66
N GLU A 137 17.68 8.39 -13.41
CA GLU A 137 17.59 7.36 -14.46
C GLU A 137 16.19 6.74 -14.61
N ILE A 138 15.47 6.42 -13.53
CA ILE A 138 14.11 5.91 -13.81
C ILE A 138 13.22 7.02 -14.39
N THR A 139 13.50 8.30 -14.06
CA THR A 139 12.80 9.44 -14.70
C THR A 139 12.99 9.46 -16.21
N ARG A 140 14.23 9.36 -16.60
CA ARG A 140 14.54 9.34 -18.02
C ARG A 140 13.76 8.20 -18.71
N ARG A 141 13.72 7.02 -18.09
CA ARG A 141 13.03 5.89 -18.72
C ARG A 141 11.57 6.13 -18.80
N CYS A 142 10.96 6.81 -17.79
CA CYS A 142 9.53 7.10 -17.87
C CYS A 142 9.23 8.16 -18.93
N TYR A 143 10.05 9.22 -18.97
CA TYR A 143 9.86 10.30 -19.93
C TYR A 143 9.84 9.79 -21.35
N LEU A 144 10.75 8.88 -21.63
CA LEU A 144 10.87 8.31 -23.00
C LEU A 144 9.66 7.50 -23.33
N ASN A 145 8.96 6.92 -22.36
CA ASN A 145 7.73 6.23 -22.64
C ASN A 145 6.49 7.08 -22.44
N GLY A 146 6.63 8.38 -22.33
CA GLY A 146 5.44 9.23 -22.30
C GLY A 146 4.81 9.43 -20.93
N ILE A 147 5.56 9.20 -19.87
CA ILE A 147 5.01 9.36 -18.51
C ILE A 147 5.88 10.42 -17.82
N TYR A 148 5.26 11.50 -17.34
CA TYR A 148 6.01 12.64 -16.82
C TYR A 148 5.68 12.95 -15.37
N GLN A 149 4.77 12.17 -14.76
CA GLN A 149 4.45 12.29 -13.36
C GLN A 149 4.62 10.98 -12.60
N ALA A 150 4.80 11.07 -11.30
CA ALA A 150 4.83 9.84 -10.52
C ALA A 150 4.19 10.15 -9.15
N ILE A 151 3.83 9.09 -8.43
CA ILE A 151 3.35 9.22 -7.08
C ILE A 151 4.13 8.19 -6.22
N TYR A 152 4.47 8.58 -5.00
CA TYR A 152 5.17 7.67 -4.10
C TYR A 152 4.82 8.05 -2.65
N THR A 153 5.12 7.18 -1.69
CA THR A 153 4.88 7.52 -0.28
C THR A 153 6.20 7.34 0.40
N ALA A 154 6.40 8.02 1.53
CA ALA A 154 7.59 7.68 2.30
C ALA A 154 7.27 7.93 3.75
N GLY A 155 8.00 7.33 4.68
CA GLY A 155 7.81 7.64 6.09
C GLY A 155 8.51 8.92 6.52
N VAL A 156 9.21 9.58 5.62
CA VAL A 156 9.95 10.76 5.99
C VAL A 156 9.44 12.02 5.29
N VAL A 157 9.69 13.16 5.89
CA VAL A 157 9.09 14.36 5.40
C VAL A 157 10.05 14.92 4.39
N LEU A 158 9.58 15.15 3.19
CA LEU A 158 10.39 15.68 2.11
C LEU A 158 9.56 16.83 1.66
N PRO A 159 10.09 17.74 0.81
CA PRO A 159 9.36 18.93 0.35
C PRO A 159 7.88 18.69 -0.11
N THR A 160 6.97 19.47 0.46
CA THR A 160 5.56 19.51 0.08
C THR A 160 4.84 18.14 -0.11
N PRO A 161 4.48 17.50 1.00
CA PRO A 161 3.65 16.33 0.90
C PRO A 161 2.32 16.79 0.43
N VAL A 162 1.66 16.00 -0.41
CA VAL A 162 0.29 16.31 -0.75
C VAL A 162 -0.65 15.86 0.39
N SER A 163 -0.19 14.96 1.26
CA SER A 163 -1.03 14.49 2.35
C SER A 163 -0.27 13.63 3.32
N SER A 164 -0.82 13.39 4.51
CA SER A 164 -0.15 12.59 5.51
C SER A 164 -1.19 11.80 6.23
N CYS A 165 -0.94 10.52 6.47
CA CYS A 165 -1.97 9.69 7.12
C CYS A 165 -1.23 8.97 8.26
N ARG A 166 -1.93 8.68 9.34
CA ARG A 166 -1.28 8.07 10.52
C ARG A 166 -1.54 6.57 10.52
N TYR A 167 -0.57 5.80 10.97
CA TYR A 167 -0.72 4.36 11.16
C TYR A 167 -1.71 4.01 12.29
N TYR A 168 -2.54 2.96 12.10
CA TYR A 168 -3.43 2.50 13.17
C TYR A 168 -3.30 1.00 13.17
N HIS A 169 -3.49 0.36 14.32
CA HIS A 169 -3.15 -1.12 14.48
C HIS A 169 -4.27 -1.72 15.31
N ARG A 170 -4.92 -2.80 14.87
CA ARG A 170 -5.94 -3.47 15.66
C ARG A 170 -5.32 -4.84 16.00
N PRO A 171 -5.08 -5.12 17.28
CA PRO A 171 -4.50 -6.37 17.67
C PRO A 171 -5.49 -7.52 17.41
N LEU A 172 -5.03 -8.66 16.92
CA LEU A 172 -5.98 -9.76 16.73
C LEU A 172 -5.50 -10.82 17.69
N ASP A 173 -4.18 -10.95 17.87
CA ASP A 173 -3.67 -11.85 18.88
C ASP A 173 -2.89 -10.93 19.77
N TRP A 174 -3.57 -10.40 20.78
CA TRP A 174 -2.96 -9.39 21.65
C TRP A 174 -1.76 -9.97 22.42
N LEU A 175 -1.88 -11.19 22.88
CA LEU A 175 -0.88 -11.81 23.78
C LEU A 175 0.37 -11.95 22.95
N LYS A 176 0.27 -12.40 21.70
CA LYS A 176 1.55 -12.42 20.93
C LYS A 176 2.15 -11.00 20.74
N LEU A 177 1.32 -9.98 20.49
CA LEU A 177 1.85 -8.62 20.29
C LEU A 177 2.48 -8.10 21.58
N TYR A 178 1.95 -8.46 22.74
CA TYR A 178 2.55 -8.06 23.99
C TYR A 178 3.91 -8.78 24.15
N GLU A 179 3.97 -10.06 23.80
CA GLU A 179 5.23 -10.79 23.94
C GLU A 179 6.33 -10.31 23.04
N VAL A 180 5.99 -9.87 21.81
CA VAL A 180 7.05 -9.33 20.93
C VAL A 180 7.35 -7.88 21.26
N GLY A 181 6.74 -7.35 22.34
CA GLY A 181 6.98 -5.94 22.71
C GLY A 181 6.35 -4.87 21.84
N PHE A 182 5.35 -5.24 21.05
CA PHE A 182 4.58 -4.23 20.34
C PHE A 182 3.57 -3.44 21.23
N SER A 183 2.92 -4.11 22.14
CA SER A 183 1.87 -3.53 22.93
C SER A 183 2.28 -3.62 24.41
N PRO A 184 2.13 -2.55 25.13
CA PRO A 184 2.37 -2.63 26.55
C PRO A 184 1.13 -3.09 27.34
N LEU A 185 1.32 -3.40 28.60
CA LEU A 185 0.21 -3.77 29.43
C LEU A 185 -0.21 -2.49 30.09
N PRO A 186 -1.44 -1.99 29.83
CA PRO A 186 -1.95 -0.78 30.46
C PRO A 186 -1.97 -0.80 31.98
N ALA A 187 -1.93 0.40 32.54
CA ALA A 187 -1.95 0.65 33.98
C ALA A 187 -3.17 -0.01 34.59
N GLY A 188 -2.95 -0.79 35.62
CA GLY A 188 -3.99 -1.50 36.29
C GLY A 188 -4.55 -2.76 35.62
N SER A 189 -4.07 -3.13 34.43
CA SER A 189 -4.77 -4.17 33.69
C SER A 189 -4.02 -5.47 33.82
N THR A 190 -4.59 -6.55 33.29
CA THR A 190 -3.95 -7.82 33.39
C THR A 190 -3.96 -8.31 31.95
N LYS A 191 -3.23 -9.38 31.67
CA LYS A 191 -3.28 -10.00 30.38
C LYS A 191 -4.72 -10.46 30.03
N ALA A 192 -5.35 -11.17 30.96
CA ALA A 192 -6.68 -11.78 30.75
C ALA A 192 -7.58 -10.67 30.28
N ARG A 193 -7.46 -9.52 30.93
CA ARG A 193 -8.36 -8.42 30.59
C ARG A 193 -8.11 -7.84 29.15
N GLN A 194 -6.84 -7.66 28.76
CA GLN A 194 -6.56 -7.24 27.35
C GLN A 194 -6.96 -8.33 26.33
N ILE A 195 -6.83 -9.60 26.69
CA ILE A 195 -7.22 -10.67 25.82
C ILE A 195 -8.73 -10.58 25.64
N THR A 196 -9.45 -10.36 26.74
CA THR A 196 -10.87 -10.26 26.64
C THR A 196 -11.28 -9.04 25.89
N LYS A 197 -10.61 -7.90 26.13
CA LYS A 197 -10.93 -6.66 25.42
C LYS A 197 -10.79 -6.75 23.90
N ASN A 198 -9.83 -7.51 23.43
CA ASN A 198 -9.58 -7.60 22.01
C ASN A 198 -10.21 -8.78 21.33
N HIS A 199 -11.01 -9.53 22.08
CA HIS A 199 -11.56 -10.78 21.54
C HIS A 199 -12.57 -10.53 20.46
N LEU A 200 -12.60 -11.42 19.49
CA LEU A 200 -13.60 -11.34 18.40
C LEU A 200 -14.22 -12.71 18.23
N PRO A 201 -15.43 -12.75 17.71
CA PRO A 201 -16.03 -14.05 17.42
C PRO A 201 -15.41 -14.75 16.21
N SER A 202 -15.87 -15.95 15.96
CA SER A 202 -15.33 -16.72 14.84
C SER A 202 -16.30 -16.71 13.67
N THR A 203 -17.49 -16.12 13.79
CA THR A 203 -18.38 -16.05 12.63
C THR A 203 -18.72 -14.57 12.25
N THR A 204 -18.93 -14.31 10.97
CA THR A 204 -19.24 -12.99 10.44
C THR A 204 -20.73 -12.74 10.53
N SER A 205 -21.12 -11.50 10.43
CA SER A 205 -22.47 -11.04 10.62
C SER A 205 -23.16 -10.48 9.36
N THR A 206 -22.41 -9.93 8.41
CA THR A 206 -23.01 -9.33 7.21
C THR A 206 -23.59 -10.43 6.34
N PRO A 207 -24.88 -10.35 6.00
CA PRO A 207 -25.46 -11.49 5.23
C PRO A 207 -25.04 -11.40 3.78
N GLY A 208 -24.72 -12.54 3.18
CA GLY A 208 -24.34 -12.55 1.78
C GLY A 208 -22.85 -12.39 1.53
N LEU A 209 -22.04 -12.38 2.58
CA LEU A 209 -20.59 -12.07 2.42
C LEU A 209 -19.92 -13.29 1.94
N ARG A 210 -19.11 -13.27 0.88
CA ARG A 210 -18.37 -14.46 0.49
C ARG A 210 -17.05 -13.97 -0.18
N PRO A 211 -16.10 -14.88 -0.45
CA PRO A 211 -14.95 -14.46 -1.18
C PRO A 211 -15.31 -13.99 -2.61
N MET A 212 -14.58 -12.96 -3.07
CA MET A 212 -14.72 -12.43 -4.43
C MET A 212 -14.32 -13.47 -5.46
N GLU A 213 -15.09 -13.59 -6.52
CA GLU A 213 -14.69 -14.47 -7.63
C GLU A 213 -14.40 -13.74 -8.92
N PRO A 214 -13.84 -14.45 -9.90
CA PRO A 214 -13.59 -13.74 -11.12
C PRO A 214 -14.85 -13.16 -11.75
N LYS A 215 -16.02 -13.83 -11.62
CA LYS A 215 -17.22 -13.31 -12.27
C LYS A 215 -17.66 -12.02 -11.62
N ASP A 216 -17.16 -11.69 -10.43
CA ASP A 216 -17.49 -10.36 -9.80
C ASP A 216 -16.77 -9.15 -10.34
N ILE A 217 -15.71 -9.36 -11.12
CA ILE A 217 -14.80 -8.24 -11.48
C ILE A 217 -15.53 -7.04 -12.01
N ASP A 218 -16.47 -7.26 -12.92
CA ASP A 218 -17.07 -6.11 -13.60
C ASP A 218 -17.90 -5.29 -12.62
N THR A 219 -18.65 -5.97 -11.79
CA THR A 219 -19.49 -5.21 -10.86
C THR A 219 -18.64 -4.55 -9.79
N VAL A 220 -17.58 -5.20 -9.29
CA VAL A 220 -16.73 -4.55 -8.28
C VAL A 220 -15.95 -3.40 -8.94
N HIS A 221 -15.52 -3.58 -10.20
CA HIS A 221 -14.82 -2.49 -10.85
C HIS A 221 -15.74 -1.22 -10.82
N ASP A 222 -17.00 -1.43 -11.15
CA ASP A 222 -17.87 -0.26 -11.29
C ASP A 222 -18.17 0.32 -9.90
N LEU A 223 -18.41 -0.53 -8.89
CA LEU A 223 -18.68 0.01 -7.55
C LEU A 223 -17.45 0.79 -7.03
N LEU A 224 -16.29 0.19 -7.23
CA LEU A 224 -15.05 0.81 -6.76
C LEU A 224 -14.76 2.16 -7.44
N GLN A 225 -14.83 2.26 -8.77
CA GLN A 225 -14.74 3.58 -9.44
C GLN A 225 -15.72 4.62 -8.88
N ARG A 226 -16.99 4.26 -8.68
CA ARG A 226 -17.92 5.27 -8.14
C ARG A 226 -17.56 5.62 -6.71
N TYR A 227 -17.15 4.62 -5.92
CA TYR A 227 -16.81 4.90 -4.55
C TYR A 227 -15.58 5.83 -4.45
N LEU A 228 -14.54 5.54 -5.25
CA LEU A 228 -13.23 6.23 -5.15
C LEU A 228 -13.36 7.64 -5.72
N SER A 229 -14.36 7.85 -6.59
CA SER A 229 -14.54 9.14 -7.21
C SER A 229 -15.05 10.13 -6.18
N ARG A 230 -15.41 9.68 -4.98
CA ARG A 230 -15.71 10.60 -3.91
C ARG A 230 -14.44 11.24 -3.29
N PHE A 231 -13.24 10.81 -3.67
CA PHE A 231 -12.04 11.41 -3.04
C PHE A 231 -11.31 12.34 -4.00
N ALA A 232 -10.72 13.42 -3.48
CA ALA A 232 -9.95 14.35 -4.28
C ALA A 232 -8.81 13.67 -5.07
N LEU A 233 -8.10 12.78 -4.40
CA LEU A 233 -6.97 12.07 -5.02
C LEU A 233 -7.30 10.63 -4.99
N ASN A 234 -7.42 10.02 -6.17
CA ASN A 234 -7.82 8.60 -6.16
C ASN A 234 -7.18 7.87 -7.36
N GLN A 235 -7.27 6.58 -7.31
CA GLN A 235 -6.67 5.73 -8.34
C GLN A 235 -7.77 5.41 -9.34
N ALA A 236 -7.49 5.52 -10.62
CA ALA A 236 -8.52 5.17 -11.64
C ALA A 236 -8.33 3.77 -12.21
N PHE A 237 -8.81 2.77 -11.51
CA PHE A 237 -8.68 1.39 -11.99
C PHE A 237 -9.28 1.01 -13.33
N THR A 238 -8.55 0.21 -14.07
CA THR A 238 -9.12 -0.46 -15.21
C THR A 238 -9.63 -1.83 -14.72
N ARG A 239 -10.36 -2.53 -15.57
CA ARG A 239 -10.83 -3.83 -15.18
C ARG A 239 -9.68 -4.84 -14.98
N GLU A 240 -8.62 -4.72 -15.77
CA GLU A 240 -7.47 -5.61 -15.63
C GLU A 240 -6.71 -5.36 -14.31
N GLU A 241 -6.68 -4.11 -13.85
CA GLU A 241 -6.07 -3.87 -12.56
C GLU A 241 -6.93 -4.50 -11.41
N VAL A 242 -8.25 -4.39 -11.46
CA VAL A 242 -9.13 -5.04 -10.45
C VAL A 242 -8.81 -6.55 -10.40
N ASP A 243 -8.70 -7.15 -11.57
CA ASP A 243 -8.36 -8.54 -11.66
C ASP A 243 -7.01 -8.81 -11.00
N HIS A 244 -5.96 -8.06 -11.38
CA HIS A 244 -4.63 -8.39 -10.85
C HIS A 244 -4.59 -8.03 -9.36
N TRP A 245 -5.07 -6.86 -8.97
CA TRP A 245 -4.79 -6.45 -7.59
C TRP A 245 -5.71 -7.15 -6.56
N LEU A 246 -6.89 -7.62 -6.96
CA LEU A 246 -7.90 -7.99 -5.97
C LEU A 246 -8.26 -9.48 -6.01
N VAL A 247 -8.02 -10.16 -7.12
CA VAL A 247 -8.52 -11.50 -7.21
C VAL A 247 -7.39 -12.50 -7.05
N HIS A 248 -7.33 -13.17 -5.91
CA HIS A 248 -6.36 -14.25 -5.72
C HIS A 248 -6.56 -15.37 -6.77
N LYS A 249 -5.46 -15.90 -7.29
CA LYS A 249 -5.38 -16.94 -8.34
C LYS A 249 -4.62 -18.18 -7.85
N PRO A 250 -5.33 -19.16 -7.30
CA PRO A 250 -4.62 -20.23 -6.60
C PRO A 250 -3.76 -21.10 -7.49
N GLU A 251 -4.13 -21.22 -8.76
CA GLU A 251 -3.35 -22.03 -9.68
C GLU A 251 -2.02 -21.33 -9.98
N THR A 252 -2.03 -20.02 -9.82
CA THR A 252 -0.92 -19.18 -10.20
C THR A 252 -0.15 -18.71 -8.97
N VAL A 253 -0.82 -18.58 -7.82
CA VAL A 253 -0.16 -17.94 -6.67
C VAL A 253 0.20 -18.90 -5.51
N LYS A 254 1.51 -19.11 -5.37
CA LYS A 254 2.07 -20.00 -4.34
C LYS A 254 1.62 -19.72 -2.90
N GLU A 255 1.67 -18.44 -2.49
CA GLU A 255 1.25 -18.00 -1.15
C GLU A 255 0.24 -16.86 -1.37
N GLN A 256 -0.98 -16.99 -0.85
CA GLN A 256 -2.01 -16.00 -1.06
C GLN A 256 -1.46 -14.67 -0.51
N VAL A 257 -1.60 -13.61 -1.27
CA VAL A 257 -1.14 -12.27 -0.85
C VAL A 257 -2.38 -11.38 -0.60
N VAL A 258 -3.45 -11.54 -1.38
CA VAL A 258 -4.61 -10.65 -1.27
C VAL A 258 -5.90 -11.41 -0.93
N TRP A 259 -6.76 -10.86 -0.03
CA TRP A 259 -8.01 -11.47 0.42
C TRP A 259 -9.08 -10.47 0.01
N ALA A 260 -10.01 -10.87 -0.84
CA ALA A 260 -11.09 -9.91 -1.17
C ALA A 260 -12.44 -10.58 -0.95
N TYR A 261 -13.41 -9.87 -0.35
CA TYR A 261 -14.73 -10.39 -0.08
C TYR A 261 -15.76 -9.48 -0.67
N VAL A 262 -16.86 -10.06 -1.15
CA VAL A 262 -17.98 -9.21 -1.53
C VAL A 262 -19.21 -9.56 -0.73
N VAL A 263 -20.13 -8.62 -0.66
CA VAL A 263 -21.41 -8.90 -0.12
C VAL A 263 -22.42 -8.98 -1.29
N GLU A 264 -22.92 -10.19 -1.56
CA GLU A 264 -23.95 -10.40 -2.57
C GLU A 264 -25.26 -10.33 -1.84
N ASP A 265 -26.01 -9.25 -2.03
CA ASP A 265 -27.28 -9.12 -1.34
C ASP A 265 -28.20 -10.36 -1.47
N PRO A 266 -28.73 -10.87 -0.35
CA PRO A 266 -29.37 -12.20 -0.50
C PRO A 266 -30.70 -12.10 -1.24
N GLU A 267 -31.35 -10.96 -1.11
CA GLU A 267 -32.65 -10.75 -1.69
C GLU A 267 -32.50 -10.50 -3.17
N THR A 268 -31.57 -9.61 -3.47
CA THR A 268 -31.39 -9.04 -4.81
C THR A 268 -30.34 -9.75 -5.64
N HIS A 269 -29.42 -10.42 -4.95
CA HIS A 269 -28.22 -10.89 -5.60
C HIS A 269 -27.30 -9.83 -6.25
N LYS A 270 -27.47 -8.55 -5.95
CA LYS A 270 -26.53 -7.57 -6.44
C LYS A 270 -25.33 -7.48 -5.46
N ILE A 271 -24.12 -7.35 -5.96
CA ILE A 271 -23.02 -6.94 -5.09
C ILE A 271 -23.13 -5.49 -4.56
N THR A 272 -23.31 -5.30 -3.26
CA THR A 272 -23.44 -3.96 -2.69
C THR A 272 -22.24 -3.44 -1.87
N ASP A 273 -21.29 -4.33 -1.57
CA ASP A 273 -20.09 -3.96 -0.74
C ASP A 273 -18.93 -4.91 -1.06
N PHE A 274 -17.69 -4.49 -0.81
CA PHE A 274 -16.57 -5.42 -0.87
C PHE A 274 -15.45 -4.79 -0.04
N PHE A 275 -14.55 -5.62 0.43
CA PHE A 275 -13.38 -5.11 1.15
C PHE A 275 -12.25 -6.04 0.86
N SER A 276 -11.03 -5.60 1.11
CA SER A 276 -9.92 -6.48 0.78
C SER A 276 -8.76 -6.10 1.74
N PHE A 277 -7.81 -7.02 1.90
CA PHE A 277 -6.65 -6.72 2.70
C PHE A 277 -5.52 -7.56 2.16
N TYR A 278 -4.26 -7.17 2.38
CA TYR A 278 -3.16 -7.99 1.92
C TYR A 278 -2.22 -8.33 3.03
N ASN A 279 -1.37 -9.33 2.78
CA ASN A 279 -0.56 -10.01 3.74
C ASN A 279 0.88 -9.55 3.57
N LEU A 280 1.48 -9.02 4.61
CA LEU A 280 2.92 -8.80 4.52
C LEU A 280 3.46 -9.11 5.90
N GLU A 281 4.30 -10.12 5.99
CA GLU A 281 4.87 -10.52 7.28
C GLU A 281 6.07 -9.70 7.70
N SER A 282 6.30 -9.67 9.01
CA SER A 282 7.43 -8.95 9.62
C SER A 282 8.25 -9.90 10.48
N THR A 283 9.58 -9.88 10.34
CA THR A 283 10.44 -10.74 11.14
C THR A 283 10.61 -9.95 12.42
N VAL A 284 10.64 -10.61 13.55
CA VAL A 284 10.93 -9.97 14.87
C VAL A 284 12.42 -10.13 15.13
N ILE A 285 13.13 -9.02 15.27
CA ILE A 285 14.60 -9.07 15.39
C ILE A 285 15.05 -9.86 16.62
N GLN A 286 14.60 -9.52 17.81
CA GLN A 286 15.23 -10.29 18.86
C GLN A 286 14.13 -10.77 19.73
N ASN A 287 13.81 -12.06 19.66
CA ASN A 287 12.81 -12.57 20.57
C ASN A 287 12.96 -14.06 20.80
N PRO A 288 12.90 -14.47 22.06
CA PRO A 288 12.91 -15.85 22.54
C PRO A 288 11.70 -16.70 22.14
N LYS A 289 10.56 -16.12 21.74
CA LYS A 289 9.37 -16.97 21.58
C LYS A 289 8.80 -16.91 20.16
N HIS A 290 8.97 -15.77 19.49
CA HIS A 290 8.41 -15.64 18.18
C HIS A 290 9.45 -15.17 17.18
N ASP A 291 9.30 -15.63 15.95
CA ASP A 291 10.16 -15.30 14.87
C ASP A 291 9.51 -14.23 13.91
N ASN A 292 8.19 -14.18 13.87
CA ASN A 292 7.52 -13.30 12.92
C ASN A 292 6.17 -12.81 13.44
N VAL A 293 5.67 -11.73 12.84
CA VAL A 293 4.34 -11.21 13.12
C VAL A 293 3.66 -11.19 11.75
N ARG A 294 2.47 -11.77 11.66
CA ARG A 294 1.77 -11.89 10.41
C ARG A 294 0.82 -10.70 10.36
N ALA A 295 1.02 -9.71 9.50
CA ALA A 295 0.20 -8.50 9.59
C ALA A 295 -0.66 -8.42 8.32
N ALA A 296 -1.94 -8.07 8.45
CA ALA A 296 -2.83 -7.87 7.33
C ALA A 296 -2.91 -6.33 7.20
N TYR A 297 -2.90 -5.79 5.99
CA TYR A 297 -3.03 -4.38 5.76
C TYR A 297 -4.36 -4.11 5.00
N LEU A 298 -5.20 -3.26 5.56
CA LEU A 298 -6.44 -2.86 4.92
C LEU A 298 -6.12 -2.24 3.57
N TYR A 299 -6.82 -2.71 2.55
CA TYR A 299 -6.49 -2.25 1.16
C TYR A 299 -7.70 -1.46 0.62
N TYR A 300 -8.25 -1.80 -0.55
CA TYR A 300 -9.47 -1.05 -1.05
C TYR A 300 -10.77 -1.69 -0.58
N TYR A 301 -11.82 -0.88 -0.48
CA TYR A 301 -13.12 -1.36 -0.13
C TYR A 301 -14.13 -0.40 -0.70
N ALA A 302 -15.38 -0.83 -0.77
CA ALA A 302 -16.43 0.06 -1.18
C ALA A 302 -17.77 -0.47 -0.69
N THR A 303 -18.74 0.43 -0.66
CA THR A 303 -20.12 0.13 -0.26
C THR A 303 -21.13 1.06 -0.98
N GLU A 304 -22.24 0.48 -1.40
CA GLU A 304 -23.29 1.31 -2.03
C GLU A 304 -23.88 2.24 -1.03
N THR A 305 -23.74 1.95 0.24
CA THR A 305 -24.38 2.82 1.22
C THR A 305 -23.84 4.21 1.18
N ALA A 306 -22.68 4.39 0.58
CA ALA A 306 -22.01 5.70 0.62
C ALA A 306 -22.81 6.64 -0.27
N PHE A 307 -23.59 6.08 -1.20
CA PHE A 307 -24.26 6.99 -2.16
C PHE A 307 -25.63 7.50 -1.73
N THR A 308 -26.07 7.13 -0.54
CA THR A 308 -27.24 7.73 0.04
C THR A 308 -26.88 9.05 0.71
N ASN A 309 -25.60 9.43 0.60
CA ASN A 309 -25.03 10.63 1.28
C ASN A 309 -25.34 10.79 2.79
N ASN A 310 -26.03 9.80 3.38
CA ASN A 310 -26.27 9.71 4.82
C ASN A 310 -25.00 9.20 5.54
N MET A 311 -24.27 10.10 6.16
CA MET A 311 -23.03 9.76 6.77
C MET A 311 -23.18 8.73 7.88
N LYS A 312 -24.25 8.86 8.66
CA LYS A 312 -24.56 7.98 9.77
C LYS A 312 -24.79 6.59 9.27
N ALA A 313 -25.52 6.50 8.18
CA ALA A 313 -25.78 5.23 7.61
C ALA A 313 -24.47 4.57 7.08
N LEU A 314 -23.52 5.40 6.64
CA LEU A 314 -22.28 4.92 5.97
C LEU A 314 -21.43 4.36 7.10
N LYS A 315 -21.34 5.13 8.18
CA LYS A 315 -20.59 4.71 9.36
C LYS A 315 -21.05 3.36 9.90
N GLU A 316 -22.35 3.14 10.01
CA GLU A 316 -22.86 1.88 10.51
C GLU A 316 -22.59 0.77 9.59
N ARG A 317 -22.73 1.04 8.30
CA ARG A 317 -22.44 -0.01 7.35
C ARG A 317 -20.97 -0.37 7.48
N LEU A 318 -20.07 0.62 7.62
CA LEU A 318 -18.61 0.25 7.66
C LEU A 318 -18.19 -0.47 8.95
N LEU A 319 -18.83 -0.13 10.08
CA LEU A 319 -18.56 -0.80 11.36
C LEU A 319 -18.88 -2.26 11.25
N MET A 320 -19.97 -2.57 10.56
CA MET A 320 -20.38 -3.94 10.40
C MET A 320 -19.42 -4.63 9.46
N LEU A 321 -19.02 -3.97 8.40
CA LEU A 321 -18.25 -4.67 7.41
C LEU A 321 -16.83 -4.90 7.93
N MET A 322 -16.24 -3.84 8.51
CA MET A 322 -14.84 -3.86 8.94
C MET A 322 -14.71 -4.78 10.15
N ASN A 323 -15.78 -4.89 10.95
CA ASN A 323 -15.73 -5.89 12.03
C ASN A 323 -15.62 -7.27 11.43
N ASP A 324 -16.34 -7.55 10.36
CA ASP A 324 -16.20 -8.86 9.71
C ASP A 324 -14.84 -9.05 9.02
N ALA A 325 -14.25 -7.97 8.48
CA ALA A 325 -12.87 -8.10 7.96
C ALA A 325 -11.92 -8.47 9.11
N LEU A 326 -12.11 -7.88 10.31
CA LEU A 326 -11.27 -8.31 11.43
C LEU A 326 -11.45 -9.78 11.73
N ILE A 327 -12.70 -10.23 11.80
CA ILE A 327 -12.98 -11.63 12.11
C ILE A 327 -12.32 -12.52 11.05
N LEU A 328 -12.43 -12.15 9.79
CA LEU A 328 -11.86 -13.01 8.72
C LEU A 328 -10.35 -12.98 8.76
N ALA A 329 -9.73 -11.82 9.05
CA ALA A 329 -8.23 -11.85 9.20
C ALA A 329 -7.85 -12.72 10.37
N LYS A 330 -8.59 -12.60 11.47
CA LYS A 330 -8.22 -13.38 12.61
C LYS A 330 -8.30 -14.91 12.30
N LYS A 331 -9.38 -15.34 11.63
CA LYS A 331 -9.54 -16.77 11.24
C LYS A 331 -8.40 -17.19 10.30
N ALA A 332 -7.93 -16.30 9.43
CA ALA A 332 -6.82 -16.71 8.60
C ALA A 332 -5.48 -16.60 9.34
N HIS A 333 -5.49 -16.45 10.67
CA HIS A 333 -4.25 -16.45 11.45
C HIS A 333 -3.39 -15.18 11.42
N PHE A 334 -3.94 -14.03 11.17
CA PHE A 334 -3.13 -12.82 11.27
C PHE A 334 -3.07 -12.40 12.70
N ASP A 335 -1.99 -11.71 13.08
CA ASP A 335 -1.74 -11.28 14.44
C ASP A 335 -2.23 -9.88 14.66
N VAL A 336 -2.19 -9.07 13.59
CA VAL A 336 -2.46 -7.65 13.77
C VAL A 336 -3.08 -7.16 12.44
N PHE A 337 -3.95 -6.17 12.49
CA PHE A 337 -4.59 -5.68 11.27
C PHE A 337 -4.24 -4.16 11.21
N ASN A 338 -3.61 -3.72 10.13
CA ASN A 338 -3.09 -2.34 10.03
C ASN A 338 -3.96 -1.54 9.07
N ALA A 339 -4.15 -0.26 9.39
CA ALA A 339 -4.91 0.58 8.48
C ALA A 339 -4.37 2.02 8.63
N LEU A 340 -4.67 2.84 7.63
CA LEU A 340 -4.28 4.23 7.64
C LEU A 340 -5.54 5.08 7.86
N THR A 341 -5.40 6.38 8.05
CA THR A 341 -6.57 7.23 8.26
C THR A 341 -7.14 7.77 6.91
N LEU A 342 -6.71 7.22 5.78
CA LEU A 342 -7.35 7.54 4.47
C LEU A 342 -8.72 6.92 4.21
N HIS A 343 -9.24 7.06 2.99
CA HIS A 343 -10.60 6.68 2.63
C HIS A 343 -11.57 7.23 3.67
N ASP A 344 -12.55 6.39 4.09
CA ASP A 344 -13.50 6.75 5.14
C ASP A 344 -13.15 6.07 6.45
N ASN A 345 -11.89 5.65 6.57
CA ASN A 345 -11.37 4.99 7.79
C ASN A 345 -11.67 5.68 9.13
N PRO A 346 -11.64 7.02 9.19
CA PRO A 346 -11.87 7.62 10.52
C PRO A 346 -13.27 7.34 11.08
N LEU A 347 -14.14 6.81 10.24
CA LEU A 347 -15.48 6.50 10.71
C LEU A 347 -15.50 5.25 11.65
N PHE A 348 -14.52 4.35 11.54
CA PHE A 348 -14.61 3.13 12.29
C PHE A 348 -13.39 2.84 13.09
N LEU A 349 -12.29 3.54 12.87
CA LEU A 349 -11.05 3.05 13.48
C LEU A 349 -11.16 2.85 15.02
N GLU A 350 -11.53 3.92 15.73
CA GLU A 350 -11.62 3.97 17.16
C GLU A 350 -12.67 3.00 17.69
N GLN A 351 -13.80 2.95 17.07
CA GLN A 351 -14.83 2.14 17.58
C GLN A 351 -14.48 0.70 17.47
N LEU A 352 -13.68 0.34 16.50
CA LEU A 352 -13.31 -1.07 16.36
C LEU A 352 -12.00 -1.45 17.09
N LYS A 353 -11.53 -0.56 17.95
CA LYS A 353 -10.38 -0.79 18.80
C LYS A 353 -9.04 -0.80 18.08
N PHE A 354 -8.97 -0.12 16.95
CA PHE A 354 -7.66 0.17 16.37
C PHE A 354 -7.00 1.18 17.26
N GLY A 355 -5.70 1.07 17.49
CA GLY A 355 -4.99 2.02 18.35
C GLY A 355 -3.98 2.80 17.54
N ALA A 356 -3.77 4.07 17.94
CA ALA A 356 -2.92 4.96 17.20
C ALA A 356 -1.51 4.43 17.17
N GLY A 357 -0.84 4.42 16.04
CA GLY A 357 0.52 3.91 16.00
C GLY A 357 1.51 5.08 16.00
N ASP A 358 2.80 4.79 15.93
CA ASP A 358 3.84 5.81 16.04
C ASP A 358 4.50 6.03 14.71
N GLY A 359 3.87 6.71 13.81
CA GLY A 359 4.34 6.65 12.44
C GLY A 359 3.31 7.25 11.56
N GLN A 360 3.78 7.88 10.49
CA GLN A 360 2.90 8.57 9.57
C GLN A 360 3.41 8.22 8.20
N LEU A 361 2.52 8.15 7.20
CA LEU A 361 2.95 7.89 5.86
C LEU A 361 2.64 9.19 5.04
N HIS A 362 3.57 9.72 4.28
CA HIS A 362 3.32 10.97 3.49
C HIS A 362 3.24 10.61 2.02
N PHE A 363 2.39 11.30 1.27
CA PHE A 363 2.16 11.03 -0.13
C PHE A 363 2.82 12.15 -0.89
N TYR A 364 3.45 11.85 -2.01
CA TYR A 364 4.09 12.88 -2.77
C TYR A 364 3.77 12.72 -4.24
N LEU A 365 3.77 13.81 -5.00
CA LEU A 365 3.60 13.72 -6.43
C LEU A 365 4.86 14.30 -7.02
N TYR A 366 5.41 13.67 -8.05
CA TYR A 366 6.56 14.19 -8.75
C TYR A 366 6.13 14.98 -9.98
N ASN A 367 6.69 16.17 -10.19
CA ASN A 367 6.42 16.99 -11.40
C ASN A 367 4.94 17.43 -11.53
N TYR A 368 4.33 17.73 -10.39
CA TYR A 368 2.94 18.17 -10.40
C TYR A 368 2.63 18.91 -9.09
N ARG A 369 1.86 20.00 -9.18
CA ARG A 369 1.53 20.80 -7.98
C ARG A 369 0.08 20.83 -7.86
N THR A 370 -0.47 20.62 -6.65
CA THR A 370 -1.91 20.63 -6.50
C THR A 370 -2.10 21.05 -5.07
N ALA A 371 -3.29 21.57 -4.75
CA ALA A 371 -3.54 21.99 -3.34
C ALA A 371 -3.44 20.72 -2.42
N PRO A 372 -2.96 20.83 -1.16
CA PRO A 372 -2.90 19.67 -0.30
C PRO A 372 -4.27 19.10 -0.03
N VAL A 373 -4.33 17.83 0.32
CA VAL A 373 -5.61 17.11 0.39
C VAL A 373 -5.66 16.56 1.82
N PRO A 374 -6.81 16.64 2.49
CA PRO A 374 -6.81 16.15 3.86
C PRO A 374 -6.57 14.61 3.97
N GLY A 375 -5.84 14.19 5.03
CA GLY A 375 -5.33 12.82 5.21
C GLY A 375 -6.10 12.06 6.29
N GLY A 376 -7.30 12.54 6.62
CA GLY A 376 -8.08 11.86 7.63
C GLY A 376 -7.76 12.23 9.06
N VAL A 377 -6.79 13.13 9.25
CA VAL A 377 -6.45 13.46 10.63
C VAL A 377 -6.56 14.96 10.85
N ASN A 378 -6.83 15.37 12.09
CA ASN A 378 -6.81 16.79 12.45
C ASN A 378 -5.46 17.28 12.98
N GLU A 379 -5.51 18.45 13.62
CA GLU A 379 -4.35 19.16 14.17
C GLU A 379 -3.58 18.28 15.16
N LYS A 380 -4.34 17.53 15.94
CA LYS A 380 -3.74 16.73 17.00
C LYS A 380 -3.29 15.39 16.42
N ASN A 381 -3.44 15.20 15.11
CA ASN A 381 -3.03 13.96 14.49
C ASN A 381 -3.90 12.82 14.99
N LEU A 382 -5.18 13.09 15.24
CA LEU A 382 -6.17 12.07 15.56
C LEU A 382 -7.26 12.05 14.49
N PRO A 383 -7.91 10.90 14.32
CA PRO A 383 -8.80 10.71 13.14
C PRO A 383 -9.98 11.65 13.17
N ASP A 384 -10.46 12.09 12.03
CA ASP A 384 -11.47 13.13 12.10
C ASP A 384 -12.37 13.07 10.91
N GLU A 385 -13.64 12.76 11.18
CA GLU A 385 -14.69 12.66 10.17
C GLU A 385 -14.78 13.85 9.25
N LYS A 386 -14.35 15.03 9.71
CA LYS A 386 -14.45 16.21 8.86
C LYS A 386 -13.24 16.32 7.97
N ARG A 387 -12.27 15.40 8.11
CA ARG A 387 -11.02 15.55 7.36
C ARG A 387 -10.88 14.42 6.33
N MET A 388 -12.00 13.87 5.87
CA MET A 388 -11.93 12.79 4.93
C MET A 388 -12.13 13.35 3.54
N GLY A 389 -12.53 12.52 2.57
CA GLY A 389 -12.70 12.96 1.17
C GLY A 389 -11.40 13.32 0.43
N GLY A 390 -10.24 13.11 1.04
CA GLY A 390 -8.99 13.54 0.39
C GLY A 390 -8.28 12.39 -0.35
N VAL A 391 -7.90 11.33 0.37
CA VAL A 391 -6.95 10.39 -0.18
C VAL A 391 -7.74 9.13 -0.43
N GLY A 392 -7.86 8.79 -1.68
CA GLY A 392 -8.66 7.68 -2.15
C GLY A 392 -7.68 6.70 -2.79
N ILE A 393 -6.38 6.80 -2.50
CA ILE A 393 -5.45 5.84 -3.11
C ILE A 393 -4.64 5.15 -2.01
N VAL A 394 -4.45 3.84 -2.10
CA VAL A 394 -3.61 3.17 -1.10
C VAL A 394 -2.41 2.66 -1.82
N MET A 395 -1.24 2.78 -1.22
CA MET A 395 -0.03 2.22 -1.81
C MET A 395 0.47 1.07 -0.95
N LEU A 396 1.12 0.06 -1.54
CA LEU A 396 1.50 -1.17 -0.85
C LEU A 396 2.42 -0.91 0.37
#